data_4MNL
#
_entry.id   4MNL
#
_cell.length_a   57.478
_cell.length_b   64.109
_cell.length_c   85.838
_cell.angle_alpha   90.00
_cell.angle_beta   90.00
_cell.angle_gamma   90.00
#
_symmetry.space_group_name_H-M   'P 21 21 21'
#
loop_
_entity.id
_entity.type
_entity.pdbx_description
1 polymer 'Chitinase A'
2 branched 2-acetamido-2-deoxy-beta-D-glucopyranose-(1-4)-2-acetamido-2-deoxy-beta-D-glucopyranose
3 non-polymer 'ACETATE ION'
4 water water
#
_entity_poly.entity_id   1
_entity_poly.type   'polypeptide(L)'
_entity_poly.pdbx_seq_one_letter_code
;MQNALKVGFWPAYSVSEFPPSKINSRLFTHLYYAFAELNAPTFEVRVPPGSEKTAEDFTPTVRRLNPSVKTLISIGGWGS
EVRDNFAKLNSDASARQRFVKSSIALARRYGFHGLDLDYQYPEPQLEMENFVKLVSELTAAIREEARTSGKPRLLLTEAV
YFHQKLFPWEVVTEYPVQFIAAGLDWVNVMAYDFHGSWENFTGAPAALRDPNSKFTASVGIESFLAAGMPPEKLVLGIPL
FGRSWLLKNNNEVGIGAPAVGAGPVDGALSFSEIQNFIRGGAREVFDTTTVSAYAYKDNVWVGYDNQQSVALKVQYAKEK
RLGGYFFWSVNQDIDAILPKIASDTWGG
;
_entity_poly.pdbx_strand_id   A
#
# COMPACT_ATOMS: atom_id res chain seq x y z
N ALA A 4 -9.28 -6.11 -13.88
CA ALA A 4 -7.79 -6.09 -13.78
C ALA A 4 -7.28 -4.78 -13.19
N LEU A 5 -7.15 -4.75 -11.86
CA LEU A 5 -6.84 -3.53 -11.15
C LEU A 5 -5.33 -3.31 -11.12
N LYS A 6 -4.91 -2.14 -11.61
CA LYS A 6 -3.51 -1.75 -11.63
C LYS A 6 -3.39 -0.47 -10.80
N VAL A 7 -2.96 -0.62 -9.56
CA VAL A 7 -3.12 0.43 -8.57
C VAL A 7 -1.76 1.03 -8.16
N GLY A 8 -1.74 2.34 -7.93
CA GLY A 8 -0.53 3.02 -7.50
C GLY A 8 -0.83 4.08 -6.47
N PHE A 9 0.03 4.17 -5.46
CA PHE A 9 -0.07 5.19 -4.42
C PHE A 9 0.91 6.32 -4.71
N TRP A 10 0.40 7.55 -4.70
CA TRP A 10 1.26 8.73 -4.81
C TRP A 10 1.27 9.49 -3.49
N PRO A 11 2.43 9.60 -2.84
CA PRO A 11 2.50 10.31 -1.57
C PRO A 11 2.73 11.80 -1.75
N ALA A 12 1.87 12.60 -1.12
CA ALA A 12 1.91 14.06 -1.26
C ALA A 12 3.23 14.70 -0.82
N TYR A 13 3.98 14.01 0.05
CA TYR A 13 5.30 14.47 0.50
C TYR A 13 6.28 14.66 -0.66
N SER A 14 6.09 13.90 -1.74
CA SER A 14 7.05 13.86 -2.84
C SER A 14 6.83 14.93 -3.92
N VAL A 15 5.88 15.84 -3.67
CA VAL A 15 5.44 16.80 -4.68
C VAL A 15 6.56 17.60 -5.38
N SER A 16 7.56 18.07 -4.62
CA SER A 16 8.63 18.91 -5.16
C SER A 16 9.61 18.16 -6.07
N GLU A 17 9.70 16.85 -5.87
CA GLU A 17 10.62 16.00 -6.63
C GLU A 17 9.89 15.13 -7.66
N PHE A 18 8.65 14.75 -7.33
CA PHE A 18 7.82 13.92 -8.20
C PHE A 18 6.38 14.41 -8.15
N PRO A 19 6.06 15.51 -8.86
CA PRO A 19 4.69 15.99 -8.91
C PRO A 19 3.79 14.99 -9.63
N PRO A 20 2.46 15.06 -9.41
CA PRO A 20 1.56 14.11 -10.08
C PRO A 20 1.71 14.02 -11.60
N SER A 21 2.17 15.11 -12.23
CA SER A 21 2.38 15.14 -13.68
C SER A 21 3.44 14.12 -14.16
N LYS A 22 4.31 13.71 -13.24
CA LYS A 22 5.37 12.75 -13.56
C LYS A 22 4.91 11.28 -13.56
N ILE A 23 3.74 11.03 -12.96
CA ILE A 23 3.19 9.66 -12.93
C ILE A 23 2.82 9.20 -14.34
N ASN A 24 3.30 8.02 -14.73
CA ASN A 24 2.84 7.46 -16.00
C ASN A 24 1.50 6.76 -15.79
N SER A 25 0.42 7.54 -15.86
CA SER A 25 -0.90 7.01 -15.55
C SER A 25 -1.48 6.06 -16.60
N ARG A 26 -0.79 5.92 -17.73
CA ARG A 26 -1.13 4.90 -18.73
C ARG A 26 -1.00 3.49 -18.18
N LEU A 27 -0.15 3.35 -17.14
CA LEU A 27 0.16 2.03 -16.58
C LEU A 27 -0.70 1.66 -15.38
N PHE A 28 -1.73 2.46 -15.12
CA PHE A 28 -2.60 2.27 -13.96
C PHE A 28 -4.07 2.34 -14.33
N THR A 29 -4.91 1.69 -13.51
CA THR A 29 -6.36 1.87 -13.59
C THR A 29 -6.83 2.80 -12.46
N HIS A 30 -6.10 2.80 -11.35
CA HIS A 30 -6.48 3.59 -10.17
C HIS A 30 -5.25 4.18 -9.50
N LEU A 31 -5.32 5.46 -9.16
CA LEU A 31 -4.23 6.13 -8.46
C LEU A 31 -4.72 6.77 -7.18
N TYR A 32 -3.98 6.55 -6.11
CA TYR A 32 -4.35 7.03 -4.80
C TYR A 32 -3.53 8.25 -4.40
N TYR A 33 -4.21 9.25 -3.86
CA TYR A 33 -3.55 10.37 -3.19
C TYR A 33 -3.35 9.99 -1.72
N ALA A 34 -2.10 9.99 -1.28
CA ALA A 34 -1.75 9.61 0.10
C ALA A 34 -1.04 10.78 0.81
N PHE A 35 -1.61 11.34 1.88
CA PHE A 35 -2.84 10.91 2.56
C PHE A 35 -3.64 12.13 3.01
N ALA A 36 -4.95 11.99 3.09
CA ALA A 36 -5.75 12.92 3.86
C ALA A 36 -5.56 12.59 5.35
N GLU A 37 -5.70 13.60 6.21
CA GLU A 37 -5.51 13.41 7.64
C GLU A 37 -6.85 13.29 8.39
N LEU A 38 -6.82 12.58 9.51
CA LEU A 38 -8.00 12.36 10.33
C LEU A 38 -8.48 13.62 11.04
N ASN A 39 -7.53 14.50 11.37
CA ASN A 39 -7.85 15.80 12.00
C ASN A 39 -8.63 15.65 13.31
N ALA A 40 -8.07 14.89 14.25
CA ALA A 40 -8.57 14.83 15.62
C ALA A 40 -8.45 16.23 16.24
N PRO A 41 -9.36 16.60 17.16
CA PRO A 41 -10.47 15.82 17.70
C PRO A 41 -11.81 15.96 16.97
N THR A 42 -11.90 16.88 15.99
CA THR A 42 -13.19 17.07 15.30
C THR A 42 -13.45 15.98 14.28
N PHE A 43 -12.37 15.37 13.78
CA PHE A 43 -12.45 14.35 12.72
C PHE A 43 -13.19 14.84 11.47
N GLU A 44 -13.02 16.13 11.20
CA GLU A 44 -13.37 16.70 9.91
C GLU A 44 -12.19 16.42 9.00
N VAL A 45 -12.28 15.28 8.32
CA VAL A 45 -11.20 14.77 7.47
C VAL A 45 -10.85 15.81 6.41
N ARG A 46 -9.55 15.96 6.15
CA ARG A 46 -9.06 17.03 5.28
C ARG A 46 -7.69 16.67 4.71
N VAL A 47 -7.30 17.27 3.59
CA VAL A 47 -5.90 17.20 3.20
C VAL A 47 -5.10 18.12 4.10
N PRO A 48 -3.81 17.81 4.35
CA PRO A 48 -2.96 18.67 5.17
C PRO A 48 -3.10 20.13 4.75
N PRO A 49 -3.39 21.03 5.71
CA PRO A 49 -3.56 22.43 5.36
C PRO A 49 -2.38 22.95 4.55
N GLY A 50 -2.67 23.66 3.46
CA GLY A 50 -1.63 24.18 2.58
C GLY A 50 -1.42 23.35 1.33
N SER A 51 -2.03 22.17 1.29
CA SER A 51 -1.90 21.28 0.12
C SER A 51 -3.20 21.14 -0.68
N GLU A 52 -4.15 22.05 -0.43
CA GLU A 52 -5.44 22.02 -1.12
C GLU A 52 -5.32 22.04 -2.64
N LYS A 53 -4.43 22.88 -3.17
CA LYS A 53 -4.27 23.00 -4.63
C LYS A 53 -3.72 21.71 -5.25
N THR A 54 -2.75 21.11 -4.57
CA THR A 54 -2.16 19.84 -5.00
C THR A 54 -3.23 18.75 -5.04
N ALA A 55 -4.07 18.69 -4.01
CA ALA A 55 -5.12 17.67 -3.94
C ALA A 55 -6.16 17.87 -5.03
N GLU A 56 -6.53 19.12 -5.29
CA GLU A 56 -7.51 19.42 -6.33
C GLU A 56 -6.99 19.09 -7.73
N ASP A 57 -5.72 19.42 -7.99
CA ASP A 57 -5.15 19.25 -9.32
C ASP A 57 -4.78 17.80 -9.62
N PHE A 58 -4.68 16.98 -8.57
CA PHE A 58 -4.22 15.60 -8.70
C PHE A 58 -4.97 14.82 -9.77
N THR A 59 -6.30 14.78 -9.66
CA THR A 59 -7.08 13.94 -10.58
C THR A 59 -7.09 14.46 -12.03
N PRO A 60 -7.38 15.76 -12.24
CA PRO A 60 -7.28 16.26 -13.62
C PRO A 60 -5.88 16.05 -14.24
N THR A 61 -4.84 16.19 -13.41
CA THR A 61 -3.47 16.04 -13.90
C THR A 61 -3.19 14.61 -14.35
N VAL A 62 -3.49 13.63 -13.50
CA VAL A 62 -3.17 12.24 -13.87
C VAL A 62 -4.05 11.75 -15.03
N ARG A 63 -5.26 12.29 -15.13
CA ARG A 63 -6.18 11.85 -16.18
C ARG A 63 -5.79 12.36 -17.57
N ARG A 64 -4.92 13.37 -17.63
CA ARG A 64 -4.50 13.93 -18.92
C ARG A 64 -3.75 12.91 -19.79
N LEU A 65 -2.98 12.02 -19.15
CA LEU A 65 -2.21 10.99 -19.86
C LEU A 65 -3.02 9.73 -20.11
N ASN A 66 -4.02 9.50 -19.26
CA ASN A 66 -4.89 8.34 -19.38
C ASN A 66 -6.25 8.70 -18.81
N PRO A 67 -7.14 9.25 -19.64
CA PRO A 67 -8.41 9.76 -19.16
C PRO A 67 -9.27 8.70 -18.47
N SER A 68 -9.06 7.43 -18.78
CA SER A 68 -9.82 6.34 -18.17
C SER A 68 -9.41 6.06 -16.72
N VAL A 69 -8.24 6.56 -16.30
CA VAL A 69 -7.76 6.33 -14.93
C VAL A 69 -8.70 6.97 -13.90
N LYS A 70 -8.91 6.25 -12.80
CA LYS A 70 -9.73 6.76 -11.71
C LYS A 70 -8.84 7.01 -10.51
N THR A 71 -9.31 7.82 -9.57
CA THR A 71 -8.54 8.16 -8.38
C THR A 71 -9.31 7.91 -7.08
N LEU A 72 -8.55 7.65 -6.02
CA LEU A 72 -9.11 7.55 -4.67
C LEU A 72 -8.23 8.38 -3.77
N ILE A 73 -8.82 8.93 -2.72
CA ILE A 73 -8.05 9.60 -1.69
C ILE A 73 -7.97 8.72 -0.45
N SER A 74 -6.74 8.45 -0.02
CA SER A 74 -6.49 7.56 1.12
C SER A 74 -6.35 8.38 2.41
N ILE A 75 -7.01 7.90 3.45
CA ILE A 75 -7.03 8.58 4.74
C ILE A 75 -6.15 7.81 5.73
N GLY A 76 -5.20 8.50 6.35
CA GLY A 76 -4.39 7.89 7.40
C GLY A 76 -2.94 7.63 7.04
N GLY A 77 -2.60 6.34 6.90
CA GLY A 77 -1.24 5.94 6.59
C GLY A 77 -0.53 5.33 7.79
N TRP A 78 0.64 4.74 7.54
CA TRP A 78 1.45 4.20 8.62
C TRP A 78 1.83 5.32 9.59
N GLY A 79 1.78 5.02 10.88
CA GLY A 79 2.20 5.99 11.89
C GLY A 79 1.45 5.81 13.19
N SER A 80 2.17 6.00 14.31
CA SER A 80 1.58 5.84 15.63
C SER A 80 0.45 6.83 15.87
N GLU A 81 0.62 8.07 15.43
CA GLU A 81 -0.41 9.10 15.59
C GLU A 81 -1.69 8.76 14.82
N VAL A 82 -1.53 8.22 13.62
CA VAL A 82 -2.68 7.80 12.82
C VAL A 82 -3.43 6.67 13.53
N ARG A 83 -2.68 5.66 14.00
CA ARG A 83 -3.28 4.56 14.74
C ARG A 83 -4.02 5.05 15.99
N ASP A 84 -3.37 5.94 16.75
CA ASP A 84 -3.99 6.53 17.94
C ASP A 84 -5.29 7.24 17.59
N ASN A 85 -5.27 7.99 16.48
CA ASN A 85 -6.44 8.74 16.05
C ASN A 85 -7.59 7.87 15.57
N PHE A 86 -7.31 6.81 14.82
CA PHE A 86 -8.37 5.86 14.47
C PHE A 86 -8.98 5.23 15.72
N ALA A 87 -8.14 4.93 16.71
CA ALA A 87 -8.61 4.29 17.93
C ALA A 87 -9.54 5.21 18.73
N LYS A 88 -9.16 6.48 18.83
CA LYS A 88 -10.00 7.48 19.48
C LYS A 88 -11.30 7.68 18.70
N LEU A 89 -11.17 7.84 17.39
CA LEU A 89 -12.31 8.02 16.50
C LEU A 89 -13.33 6.91 16.63
N ASN A 90 -12.87 5.67 16.51
CA ASN A 90 -13.78 4.55 16.32
C ASN A 90 -14.61 4.17 17.55
N SER A 91 -14.19 4.66 18.72
CA SER A 91 -14.89 4.40 19.98
C SER A 91 -16.00 5.42 20.25
N ASP A 92 -16.06 6.45 19.42
CA ASP A 92 -16.91 7.62 19.63
C ASP A 92 -17.92 7.74 18.47
N ALA A 93 -19.18 7.38 18.73
CA ALA A 93 -20.20 7.36 17.68
C ALA A 93 -20.37 8.71 16.98
N SER A 94 -20.32 9.79 17.76
CA SER A 94 -20.45 11.15 17.21
C SER A 94 -19.27 11.49 16.31
N ALA A 95 -18.07 11.14 16.76
CA ALA A 95 -16.87 11.33 15.95
C ALA A 95 -16.93 10.49 14.67
N ARG A 96 -17.39 9.25 14.77
CA ARG A 96 -17.58 8.42 13.59
C ARG A 96 -18.51 9.08 12.58
N GLN A 97 -19.59 9.69 13.05
CA GLN A 97 -20.53 10.38 12.17
C GLN A 97 -19.88 11.57 11.45
N ARG A 98 -19.09 12.34 12.19
CA ARG A 98 -18.37 13.48 11.62
C ARG A 98 -17.35 13.02 10.58
N PHE A 99 -16.64 11.93 10.88
CA PHE A 99 -15.66 11.35 9.97
C PHE A 99 -16.31 10.91 8.67
N VAL A 100 -17.41 10.16 8.79
CA VAL A 100 -18.10 9.63 7.63
C VAL A 100 -18.60 10.76 6.72
N LYS A 101 -19.27 11.74 7.31
CA LYS A 101 -19.81 12.88 6.55
C LYS A 101 -18.69 13.63 5.83
N SER A 102 -17.63 13.96 6.58
CA SER A 102 -16.53 14.76 6.05
C SER A 102 -15.68 14.05 5.00
N SER A 103 -15.52 12.74 5.16
N SER A 103 -15.51 12.73 5.17
CA SER A 103 -14.71 11.96 4.21
CA SER A 103 -14.72 11.93 4.22
C SER A 103 -15.38 11.88 2.85
C SER A 103 -15.38 11.90 2.85
N ILE A 104 -16.70 11.65 2.84
CA ILE A 104 -17.47 11.59 1.59
C ILE A 104 -17.46 12.96 0.92
N ALA A 105 -17.68 14.00 1.71
CA ALA A 105 -17.65 15.37 1.20
C ALA A 105 -16.29 15.74 0.62
N LEU A 106 -15.22 15.28 1.26
CA LEU A 106 -13.84 15.51 0.80
C LEU A 106 -13.57 14.89 -0.57
N ALA A 107 -13.97 13.62 -0.74
CA ALA A 107 -13.76 12.95 -2.00
C ALA A 107 -14.46 13.70 -3.13
N ARG A 108 -15.72 14.09 -2.90
CA ARG A 108 -16.46 14.84 -3.91
C ARG A 108 -15.85 16.22 -4.16
N ARG A 109 -15.41 16.87 -3.08
CA ARG A 109 -14.82 18.21 -3.16
C ARG A 109 -13.65 18.27 -4.16
N TYR A 110 -12.77 17.28 -4.08
CA TYR A 110 -11.54 17.27 -4.87
C TYR A 110 -11.63 16.43 -6.14
N GLY A 111 -12.78 15.81 -6.39
CA GLY A 111 -13.01 15.08 -7.63
C GLY A 111 -12.46 13.67 -7.67
N PHE A 112 -12.32 13.06 -6.50
CA PHE A 112 -11.89 11.67 -6.38
C PHE A 112 -13.06 10.73 -6.61
N HIS A 113 -12.75 9.53 -7.08
CA HIS A 113 -13.77 8.52 -7.37
C HIS A 113 -13.99 7.57 -6.20
N GLY A 114 -13.19 7.69 -5.15
CA GLY A 114 -13.33 6.80 -4.01
C GLY A 114 -12.54 7.22 -2.79
N LEU A 115 -12.74 6.46 -1.72
CA LEU A 115 -12.07 6.65 -0.45
C LEU A 115 -11.30 5.40 -0.09
N ASP A 116 -10.18 5.58 0.58
CA ASP A 116 -9.42 4.46 1.11
C ASP A 116 -9.11 4.72 2.57
N LEU A 117 -9.20 3.68 3.39
CA LEU A 117 -8.78 3.76 4.79
C LEU A 117 -7.46 3.03 4.97
N ASP A 118 -6.43 3.75 5.38
CA ASP A 118 -5.11 3.17 5.61
C ASP A 118 -4.81 3.21 7.11
N TYR A 119 -5.14 2.11 7.78
CA TYR A 119 -5.11 2.00 9.24
C TYR A 119 -4.27 0.80 9.63
N GLN A 120 -3.11 1.09 10.22
CA GLN A 120 -2.15 0.05 10.53
C GLN A 120 -1.88 0.01 12.04
N TYR A 121 -2.63 -0.80 12.80
CA TYR A 121 -3.65 -1.74 12.32
C TYR A 121 -4.82 -1.76 13.30
N PRO A 122 -6.01 -2.23 12.86
CA PRO A 122 -7.15 -2.38 13.76
C PRO A 122 -6.96 -3.58 14.70
N GLU A 123 -6.05 -3.42 15.65
CA GLU A 123 -5.79 -4.40 16.71
C GLU A 123 -5.50 -3.63 18.01
N PRO A 124 -5.82 -4.21 19.18
CA PRO A 124 -6.39 -5.54 19.48
C PRO A 124 -7.85 -5.71 19.09
N GLN A 125 -8.48 -6.78 19.59
CA GLN A 125 -9.87 -7.11 19.26
C GLN A 125 -10.84 -5.92 19.34
N LEU A 126 -10.75 -5.14 20.41
CA LEU A 126 -11.63 -3.97 20.58
C LEU A 126 -11.52 -3.02 19.39
N GLU A 127 -10.30 -2.82 18.92
CA GLU A 127 -10.06 -1.93 17.79
C GLU A 127 -10.62 -2.46 16.47
N MET A 128 -10.58 -3.78 16.28
CA MET A 128 -11.23 -4.38 15.11
C MET A 128 -12.74 -4.20 15.20
N GLU A 129 -13.29 -4.43 16.40
CA GLU A 129 -14.74 -4.29 16.62
C GLU A 129 -15.23 -2.86 16.33
N ASN A 130 -14.46 -1.88 16.78
CA ASN A 130 -14.83 -0.48 16.54
C ASN A 130 -14.57 -0.03 15.11
N PHE A 131 -13.57 -0.64 14.46
CA PHE A 131 -13.31 -0.37 13.05
C PHE A 131 -14.46 -0.88 12.18
N VAL A 132 -15.00 -2.05 12.56
CA VAL A 132 -16.21 -2.59 11.94
C VAL A 132 -17.36 -1.57 12.00
N LYS A 133 -17.54 -0.91 13.14
CA LYS A 133 -18.59 0.10 13.27
C LYS A 133 -18.37 1.25 12.28
N LEU A 134 -17.13 1.76 12.22
CA LEU A 134 -16.80 2.84 11.30
C LEU A 134 -17.08 2.46 9.85
N VAL A 135 -16.58 1.29 9.45
CA VAL A 135 -16.68 0.88 8.06
C VAL A 135 -18.13 0.62 7.66
N SER A 136 -18.89 -0.02 8.55
CA SER A 136 -20.30 -0.30 8.27
C SER A 136 -21.10 0.99 8.04
N GLU A 137 -20.84 1.99 8.89
CA GLU A 137 -21.48 3.30 8.76
C GLU A 137 -21.03 4.02 7.50
N LEU A 138 -19.74 3.90 7.17
CA LEU A 138 -19.21 4.51 5.94
C LEU A 138 -19.84 3.91 4.68
N THR A 139 -19.93 2.58 4.62
CA THR A 139 -20.55 1.87 3.52
C THR A 139 -21.99 2.34 3.28
N ALA A 140 -22.77 2.45 4.36
CA ALA A 140 -24.16 2.92 4.28
C ALA A 140 -24.24 4.35 3.79
N ALA A 141 -23.39 5.22 4.32
CA ALA A 141 -23.39 6.62 3.91
C ALA A 141 -22.96 6.82 2.46
N ILE A 142 -22.05 5.97 1.99
CA ILE A 142 -21.61 6.00 0.58
C ILE A 142 -22.77 5.65 -0.35
N ARG A 143 -23.53 4.63 0.04
CA ARG A 143 -24.70 4.23 -0.73
C ARG A 143 -25.78 5.30 -0.72
N GLU A 144 -25.95 5.95 0.44
CA GLU A 144 -26.91 7.03 0.59
C GLU A 144 -26.55 8.25 -0.26
N GLU A 145 -25.26 8.61 -0.27
CA GLU A 145 -24.80 9.75 -1.06
C GLU A 145 -24.99 9.49 -2.56
N ALA A 146 -24.83 8.25 -2.97
CA ALA A 146 -25.05 7.87 -4.38
C ALA A 146 -26.50 8.11 -4.77
N ARG A 147 -27.41 7.76 -3.87
CA ARG A 147 -28.85 7.94 -4.11
C ARG A 147 -29.24 9.43 -4.22
N THR A 148 -28.76 10.23 -3.28
CA THR A 148 -29.14 11.65 -3.22
C THR A 148 -28.45 12.51 -4.28
N SER A 149 -27.23 12.13 -4.70
CA SER A 149 -26.49 12.87 -5.72
C SER A 149 -26.78 12.37 -7.14
N GLY A 150 -27.17 11.11 -7.26
CA GLY A 150 -27.44 10.48 -8.55
C GLY A 150 -26.21 9.94 -9.25
N LYS A 151 -25.05 10.13 -8.61
CA LYS A 151 -23.76 9.69 -9.16
C LYS A 151 -23.46 8.26 -8.72
N PRO A 152 -22.61 7.54 -9.51
CA PRO A 152 -22.12 6.23 -9.07
C PRO A 152 -21.51 6.35 -7.67
N ARG A 153 -21.71 5.35 -6.84
CA ARG A 153 -21.19 5.42 -5.48
C ARG A 153 -19.67 5.51 -5.48
N LEU A 154 -19.15 6.25 -4.50
CA LEU A 154 -17.72 6.27 -4.25
C LEU A 154 -17.21 4.86 -4.04
N LEU A 155 -16.05 4.55 -4.61
CA LEU A 155 -15.35 3.32 -4.30
C LEU A 155 -14.89 3.39 -2.85
N LEU A 156 -14.78 2.24 -2.21
CA LEU A 156 -14.25 2.17 -0.85
C LEU A 156 -13.27 1.01 -0.75
N THR A 157 -12.05 1.32 -0.34
CA THR A 157 -11.02 0.31 -0.16
C THR A 157 -10.33 0.51 1.19
N GLU A 158 -9.52 -0.46 1.58
CA GLU A 158 -8.71 -0.30 2.77
C GLU A 158 -7.41 -1.08 2.63
N ALA A 159 -6.38 -0.59 3.32
CA ALA A 159 -5.14 -1.32 3.47
C ALA A 159 -5.33 -2.46 4.46
N VAL A 160 -4.79 -3.63 4.12
CA VAL A 160 -4.73 -4.75 5.06
C VAL A 160 -3.31 -5.26 5.24
N TYR A 161 -3.03 -5.74 6.46
CA TYR A 161 -1.82 -6.50 6.77
C TYR A 161 -1.67 -7.63 5.75
N PHE A 162 -0.44 -8.13 5.57
CA PHE A 162 -0.20 -9.16 4.56
C PHE A 162 -0.99 -10.42 4.86
N HIS A 163 -1.34 -10.62 6.13
CA HIS A 163 -2.02 -11.83 6.60
C HIS A 163 -3.41 -11.51 7.12
N GLN A 164 -4.32 -12.46 7.00
CA GLN A 164 -5.70 -12.31 7.48
C GLN A 164 -5.76 -12.25 9.01
N LYS A 165 -4.75 -12.84 9.68
CA LYS A 165 -4.70 -12.85 11.14
C LYS A 165 -3.70 -11.82 11.65
N LEU A 166 -4.14 -11.06 12.65
CA LEU A 166 -3.25 -10.15 13.36
C LEU A 166 -3.01 -10.71 14.76
N PHE A 167 -1.84 -11.30 15.01
CA PHE A 167 -0.82 -11.54 14.00
C PHE A 167 -0.60 -13.06 13.93
N PRO A 168 -0.08 -13.57 12.78
CA PRO A 168 0.01 -15.03 12.64
C PRO A 168 0.70 -15.74 13.81
N TRP A 169 1.71 -15.10 14.39
CA TRP A 169 2.46 -15.66 15.52
C TRP A 169 1.69 -15.61 16.85
N GLU A 170 0.99 -14.51 17.09
CA GLU A 170 0.16 -14.33 18.29
C GLU A 170 -1.16 -13.69 17.86
N VAL A 171 -2.22 -14.50 17.80
CA VAL A 171 -3.51 -14.05 17.26
C VAL A 171 -4.25 -13.15 18.26
N VAL A 172 -4.12 -11.84 18.02
CA VAL A 172 -4.79 -10.79 18.77
C VAL A 172 -6.22 -10.61 18.21
N THR A 173 -6.32 -10.54 16.89
CA THR A 173 -7.59 -10.40 16.18
C THR A 173 -7.42 -10.85 14.72
N GLU A 174 -8.45 -10.64 13.89
CA GLU A 174 -8.37 -10.98 12.46
C GLU A 174 -9.38 -10.21 11.65
N TYR A 175 -9.11 -10.07 10.35
CA TYR A 175 -10.00 -9.33 9.46
C TYR A 175 -11.25 -10.15 9.17
N PRO A 176 -12.43 -9.53 9.35
CA PRO A 176 -13.68 -10.22 9.01
C PRO A 176 -13.89 -10.15 7.50
N VAL A 177 -13.54 -11.24 6.81
CA VAL A 177 -13.48 -11.21 5.34
C VAL A 177 -14.84 -11.08 4.64
N GLN A 178 -15.88 -11.69 5.21
CA GLN A 178 -17.22 -11.58 4.62
C GLN A 178 -17.74 -10.14 4.76
N PHE A 179 -17.49 -9.56 5.94
CA PHE A 179 -17.82 -8.16 6.21
C PHE A 179 -17.13 -7.25 5.19
N ILE A 180 -15.83 -7.45 5.02
CA ILE A 180 -15.02 -6.64 4.11
C ILE A 180 -15.48 -6.80 2.66
N ALA A 181 -15.74 -8.04 2.25
CA ALA A 181 -16.19 -8.31 0.88
C ALA A 181 -17.50 -7.58 0.56
N ALA A 182 -18.36 -7.47 1.57
CA ALA A 182 -19.68 -6.86 1.38
C ALA A 182 -19.62 -5.33 1.34
N GLY A 183 -18.75 -4.75 2.15
CA GLY A 183 -18.67 -3.29 2.29
C GLY A 183 -17.66 -2.60 1.39
N LEU A 184 -16.68 -3.33 0.89
CA LEU A 184 -15.55 -2.74 0.16
C LEU A 184 -15.41 -3.26 -1.25
N ASP A 185 -14.86 -2.43 -2.13
CA ASP A 185 -14.62 -2.84 -3.50
C ASP A 185 -13.41 -3.74 -3.62
N TRP A 186 -12.39 -3.48 -2.81
CA TRP A 186 -11.25 -4.37 -2.66
C TRP A 186 -10.41 -3.97 -1.48
N VAL A 187 -9.43 -4.81 -1.13
CA VAL A 187 -8.45 -4.46 -0.13
C VAL A 187 -7.05 -4.51 -0.72
N ASN A 188 -6.20 -3.63 -0.22
CA ASN A 188 -4.82 -3.53 -0.66
C ASN A 188 -3.92 -4.30 0.30
N VAL A 189 -3.49 -5.48 -0.13
CA VAL A 189 -2.71 -6.37 0.72
C VAL A 189 -1.26 -5.92 0.76
N MET A 190 -0.80 -5.51 1.95
CA MET A 190 0.55 -4.94 2.10
C MET A 190 1.58 -6.06 2.26
N ALA A 191 1.85 -6.71 1.14
CA ALA A 191 2.75 -7.87 1.10
C ALA A 191 4.22 -7.43 1.00
N TYR A 192 4.66 -6.69 2.01
CA TYR A 192 6.03 -6.20 2.09
C TYR A 192 6.40 -5.86 3.54
N ASP A 193 7.64 -5.46 3.73
CA ASP A 193 8.23 -5.20 5.04
C ASP A 193 8.19 -6.44 5.94
N PHE A 194 8.46 -7.61 5.34
CA PHE A 194 8.56 -8.86 6.09
C PHE A 194 9.87 -8.92 6.84
N HIS A 195 10.88 -8.26 6.28
CA HIS A 195 12.22 -8.24 6.83
C HIS A 195 12.81 -6.85 6.62
N GLY A 196 13.74 -6.46 7.50
CA GLY A 196 14.36 -5.14 7.45
C GLY A 196 15.42 -5.00 8.51
N SER A 197 15.91 -3.77 8.69
CA SER A 197 17.03 -3.48 9.58
C SER A 197 16.75 -3.71 11.06
N TRP A 198 15.48 -3.96 11.40
CA TRP A 198 15.12 -4.39 12.76
C TRP A 198 15.66 -5.79 13.08
N GLU A 199 16.01 -6.54 12.03
CA GLU A 199 16.70 -7.81 12.16
C GLU A 199 18.19 -7.62 11.85
N ASN A 200 19.04 -8.34 12.56
CA ASN A 200 20.50 -8.23 12.35
C ASN A 200 21.03 -9.25 11.33
N PHE A 201 20.17 -9.60 10.37
CA PHE A 201 20.51 -10.48 9.26
C PHE A 201 19.69 -10.06 8.03
N THR A 202 20.33 -10.10 6.87
CA THR A 202 19.67 -9.73 5.62
C THR A 202 18.60 -10.76 5.23
N GLY A 203 17.59 -10.30 4.51
CA GLY A 203 16.50 -11.16 4.07
C GLY A 203 15.72 -10.51 2.95
N ALA A 204 14.79 -11.25 2.37
CA ALA A 204 13.93 -10.74 1.29
C ALA A 204 12.71 -10.07 1.90
N PRO A 205 12.66 -8.72 1.86
CA PRO A 205 11.60 -7.98 2.56
C PRO A 205 10.19 -8.19 2.02
N ALA A 206 10.06 -8.69 0.80
CA ALA A 206 8.75 -8.95 0.21
C ALA A 206 8.66 -10.31 -0.49
N ALA A 207 9.39 -11.28 0.05
CA ALA A 207 9.42 -12.63 -0.52
C ALA A 207 8.03 -13.12 -0.92
N LEU A 208 7.91 -13.63 -2.15
CA LEU A 208 6.66 -14.23 -2.61
C LEU A 208 6.45 -15.56 -1.90
N ARG A 209 7.53 -16.33 -1.78
CA ARG A 209 7.52 -17.58 -1.04
C ARG A 209 8.86 -17.85 -0.38
N ASP A 210 8.89 -18.83 0.51
CA ASP A 210 10.09 -19.22 1.25
C ASP A 210 9.80 -20.57 1.92
N SER A 213 9.47 -20.17 5.67
CA SER A 213 9.12 -18.98 6.44
C SER A 213 7.61 -18.74 6.43
N LYS A 214 7.12 -18.10 7.49
CA LYS A 214 5.73 -17.73 7.61
C LYS A 214 5.45 -16.39 6.92
N PHE A 215 6.49 -15.57 6.80
CA PHE A 215 6.36 -14.20 6.29
C PHE A 215 6.62 -14.11 4.79
N THR A 216 5.62 -14.51 4.02
CA THR A 216 5.70 -14.42 2.57
C THR A 216 4.37 -13.91 2.04
N ALA A 217 4.42 -13.31 0.85
CA ALA A 217 3.22 -12.82 0.18
C ALA A 217 2.21 -13.94 -0.07
N SER A 218 2.69 -15.11 -0.50
CA SER A 218 1.80 -16.21 -0.86
C SER A 218 1.06 -16.78 0.36
N VAL A 219 1.77 -16.94 1.46
CA VAL A 219 1.18 -17.41 2.72
C VAL A 219 0.11 -16.43 3.20
N GLY A 220 0.40 -15.14 3.07
CA GLY A 220 -0.57 -14.09 3.40
C GLY A 220 -1.81 -14.17 2.54
N ILE A 221 -1.62 -14.21 1.23
CA ILE A 221 -2.73 -14.35 0.28
C ILE A 221 -3.55 -15.61 0.56
N GLU A 222 -2.84 -16.74 0.78
CA GLU A 222 -3.47 -18.02 1.14
C GLU A 222 -4.44 -17.85 2.31
N SER A 223 -4.00 -17.11 3.33
CA SER A 223 -4.78 -16.93 4.56
C SER A 223 -6.08 -16.17 4.34
N PHE A 224 -6.05 -15.17 3.45
CA PHE A 224 -7.28 -14.45 3.10
C PHE A 224 -8.25 -15.34 2.31
N LEU A 225 -7.71 -16.14 1.40
CA LEU A 225 -8.54 -17.01 0.57
C LEU A 225 -9.16 -18.15 1.39
N ALA A 226 -8.38 -18.69 2.31
CA ALA A 226 -8.82 -19.75 3.21
C ALA A 226 -9.95 -19.27 4.12
N ALA A 227 -9.89 -18.00 4.49
CA ALA A 227 -10.93 -17.39 5.32
C ALA A 227 -12.23 -17.16 4.55
N GLY A 228 -12.14 -17.16 3.22
CA GLY A 228 -13.31 -17.01 2.36
C GLY A 228 -13.40 -15.70 1.60
N MET A 229 -12.29 -14.98 1.50
CA MET A 229 -12.28 -13.75 0.71
C MET A 229 -12.40 -14.08 -0.76
N PRO A 230 -13.39 -13.47 -1.47
CA PRO A 230 -13.42 -13.64 -2.92
C PRO A 230 -12.09 -13.17 -3.50
N PRO A 231 -11.47 -13.99 -4.37
CA PRO A 231 -10.14 -13.67 -4.88
C PRO A 231 -10.06 -12.28 -5.51
N GLU A 232 -11.12 -11.88 -6.21
CA GLU A 232 -11.17 -10.59 -6.90
C GLU A 232 -11.13 -9.38 -5.96
N LYS A 233 -11.40 -9.62 -4.67
CA LYS A 233 -11.35 -8.54 -3.66
C LYS A 233 -9.94 -8.29 -3.13
N LEU A 234 -8.98 -9.12 -3.54
CA LEU A 234 -7.60 -8.98 -3.08
C LEU A 234 -6.72 -8.33 -4.14
N VAL A 235 -6.03 -7.26 -3.76
CA VAL A 235 -5.08 -6.60 -4.64
C VAL A 235 -3.70 -6.71 -4.01
N LEU A 236 -2.79 -7.36 -4.72
CA LEU A 236 -1.47 -7.67 -4.18
C LEU A 236 -0.49 -6.51 -4.21
N GLY A 237 -0.02 -6.12 -3.04
CA GLY A 237 0.97 -5.05 -2.94
C GLY A 237 2.35 -5.49 -3.35
N ILE A 238 3.05 -4.59 -4.06
CA ILE A 238 4.42 -4.78 -4.48
C ILE A 238 5.17 -3.49 -4.14
N PRO A 239 6.28 -3.58 -3.41
CA PRO A 239 7.01 -2.37 -3.05
C PRO A 239 7.87 -1.82 -4.19
N LEU A 240 7.94 -0.49 -4.30
CA LEU A 240 8.85 0.18 -5.24
C LEU A 240 10.06 0.73 -4.48
N PHE A 241 10.32 0.14 -3.33
CA PHE A 241 11.45 0.48 -2.49
C PHE A 241 12.04 -0.82 -1.99
N GLY A 242 13.28 -0.77 -1.52
CA GLY A 242 13.90 -1.93 -0.89
C GLY A 242 14.30 -1.63 0.54
N ARG A 243 14.50 -2.68 1.32
CA ARG A 243 15.01 -2.56 2.69
C ARG A 243 16.51 -2.80 2.68
N SER A 244 17.24 -1.89 3.33
CA SER A 244 18.70 -1.93 3.32
C SER A 244 19.29 -2.19 4.69
N TRP A 245 20.43 -2.86 4.69
CA TRP A 245 21.21 -3.15 5.90
C TRP A 245 22.65 -2.73 5.67
N LEU A 246 23.38 -2.52 6.75
CA LEU A 246 24.84 -2.47 6.69
C LEU A 246 25.37 -3.84 7.07
N LEU A 247 26.30 -4.35 6.27
CA LEU A 247 26.83 -5.69 6.47
C LEU A 247 27.87 -5.72 7.57
N LYS A 248 27.89 -6.79 8.35
CA LYS A 248 28.90 -6.97 9.38
C LYS A 248 30.26 -7.26 8.74
N ASN A 249 30.26 -8.07 7.69
CA ASN A 249 31.47 -8.38 6.93
C ASN A 249 31.20 -8.27 5.43
N ASN A 250 32.06 -7.53 4.73
CA ASN A 250 31.90 -7.29 3.30
C ASN A 250 32.05 -8.52 2.42
N ASN A 251 32.59 -9.61 2.97
CA ASN A 251 32.73 -10.86 2.21
C ASN A 251 31.56 -11.83 2.42
N GLU A 252 30.59 -11.44 3.26
CA GLU A 252 29.37 -12.20 3.43
C GLU A 252 28.21 -11.37 2.90
N VAL A 253 27.74 -11.72 1.72
CA VAL A 253 26.91 -10.82 0.91
C VAL A 253 25.58 -11.40 0.44
N GLY A 254 25.23 -12.60 0.90
CA GLY A 254 24.02 -13.24 0.45
C GLY A 254 22.85 -12.99 1.38
N ILE A 255 21.76 -13.71 1.14
CA ILE A 255 20.60 -13.70 2.02
C ILE A 255 20.97 -14.44 3.30
N GLY A 256 20.67 -13.82 4.44
CA GLY A 256 20.99 -14.39 5.75
C GLY A 256 22.34 -13.92 6.28
N ALA A 257 22.98 -13.00 5.57
CA ALA A 257 24.26 -12.43 6.01
C ALA A 257 24.10 -11.59 7.27
N PRO A 258 25.06 -11.67 8.21
CA PRO A 258 24.99 -10.86 9.42
C PRO A 258 25.05 -9.36 9.13
N ALA A 259 24.21 -8.59 9.82
CA ALA A 259 24.10 -7.15 9.63
C ALA A 259 24.26 -6.39 10.95
N VAL A 260 24.61 -5.10 10.85
CA VAL A 260 24.87 -4.25 12.02
C VAL A 260 23.98 -3.01 12.16
N GLY A 261 22.99 -2.89 11.28
CA GLY A 261 22.05 -1.76 11.34
C GLY A 261 21.46 -1.39 9.99
N ALA A 262 20.71 -0.29 9.97
CA ALA A 262 20.07 0.20 8.75
C ALA A 262 21.07 0.75 7.75
N GLY A 263 20.90 0.39 6.48
CA GLY A 263 21.65 1.03 5.40
C GLY A 263 20.93 2.30 4.96
N PRO A 264 21.34 2.88 3.82
CA PRO A 264 20.68 4.09 3.32
C PRO A 264 19.30 3.79 2.74
N VAL A 265 18.34 4.71 2.84
CA VAL A 265 18.41 5.91 3.66
C VAL A 265 17.51 5.60 4.86
N ASP A 266 18.12 5.52 6.04
CA ASP A 266 17.41 5.06 7.25
C ASP A 266 16.66 3.75 6.99
N GLY A 267 17.32 2.82 6.29
CA GLY A 267 16.80 1.48 6.08
C GLY A 267 15.92 1.24 4.86
N ALA A 268 15.66 2.29 4.08
CA ALA A 268 14.83 2.16 2.88
C ALA A 268 15.40 2.94 1.70
N LEU A 269 15.37 2.30 0.53
CA LEU A 269 15.94 2.88 -0.68
C LEU A 269 14.96 2.73 -1.83
N SER A 270 14.69 3.83 -2.55
CA SER A 270 13.75 3.76 -3.68
C SER A 270 14.34 2.88 -4.78
N PHE A 271 13.48 2.29 -5.61
CA PHE A 271 13.94 1.48 -6.74
C PHE A 271 14.87 2.29 -7.65
N SER A 272 14.52 3.55 -7.89
CA SER A 272 15.36 4.43 -8.69
C SER A 272 16.75 4.58 -8.08
N GLU A 273 16.83 4.73 -6.76
CA GLU A 273 18.12 4.81 -6.09
C GLU A 273 18.85 3.47 -6.11
N ILE A 274 18.09 2.38 -6.11
CA ILE A 274 18.67 1.04 -6.27
C ILE A 274 19.28 0.88 -7.67
N GLN A 275 18.61 1.41 -8.69
CA GLN A 275 19.16 1.43 -10.05
C GLN A 275 20.47 2.23 -10.09
N ASN A 276 20.49 3.38 -9.41
CA ASN A 276 21.72 4.16 -9.25
C ASN A 276 22.81 3.36 -8.55
N PHE A 277 22.44 2.63 -7.51
CA PHE A 277 23.34 1.79 -6.74
C PHE A 277 24.01 0.77 -7.65
N ILE A 278 23.21 0.09 -8.48
CA ILE A 278 23.71 -0.92 -9.42
C ILE A 278 24.61 -0.29 -10.50
N ARG A 279 24.17 0.84 -11.07
CA ARG A 279 24.99 1.54 -12.08
C ARG A 279 26.31 2.05 -11.50
N GLY A 280 26.31 2.32 -10.20
CA GLY A 280 27.50 2.76 -9.49
C GLY A 280 28.39 1.64 -8.97
N GLY A 281 28.07 0.40 -9.35
CA GLY A 281 28.95 -0.73 -9.06
C GLY A 281 28.41 -1.84 -8.18
N ALA A 282 27.20 -1.69 -7.66
CA ALA A 282 26.59 -2.77 -6.89
C ALA A 282 26.27 -3.97 -7.77
N ARG A 283 26.41 -5.16 -7.22
CA ARG A 283 26.04 -6.38 -7.94
C ARG A 283 24.60 -6.77 -7.63
N GLU A 284 23.80 -6.92 -8.69
CA GLU A 284 22.42 -7.40 -8.54
C GLU A 284 22.38 -8.92 -8.60
N VAL A 285 21.62 -9.51 -7.70
CA VAL A 285 21.39 -10.95 -7.66
C VAL A 285 19.89 -11.21 -7.62
N PHE A 286 19.42 -12.10 -8.49
CA PHE A 286 18.05 -12.57 -8.39
C PHE A 286 18.03 -13.81 -7.51
N ASP A 287 17.11 -13.83 -6.54
CA ASP A 287 16.97 -14.97 -5.67
C ASP A 287 15.71 -15.75 -5.99
N THR A 288 15.87 -16.87 -6.68
CA THR A 288 14.72 -17.65 -7.12
C THR A 288 13.93 -18.30 -5.96
N THR A 289 14.62 -18.60 -4.86
CA THR A 289 14.02 -19.26 -3.71
C THR A 289 12.90 -18.41 -3.12
N THR A 290 13.14 -17.10 -3.06
CA THR A 290 12.18 -16.16 -2.45
C THR A 290 11.35 -15.39 -3.49
N VAL A 291 11.81 -15.42 -4.75
CA VAL A 291 11.27 -14.56 -5.82
C VAL A 291 11.47 -13.10 -5.44
N SER A 292 12.73 -12.69 -5.44
CA SER A 292 13.12 -11.35 -5.03
C SER A 292 14.48 -11.02 -5.62
N ALA A 293 14.93 -9.79 -5.39
CA ALA A 293 16.27 -9.40 -5.78
C ALA A 293 17.01 -8.79 -4.61
N TYR A 294 18.33 -8.80 -4.69
CA TYR A 294 19.15 -7.99 -3.80
C TYR A 294 20.38 -7.47 -4.50
N ALA A 295 20.95 -6.41 -3.95
CA ALA A 295 22.14 -5.80 -4.51
C ALA A 295 23.08 -5.37 -3.38
N TYR A 296 24.39 -5.46 -3.64
CA TYR A 296 25.37 -5.11 -2.62
C TYR A 296 26.62 -4.47 -3.21
N LYS A 297 27.24 -3.62 -2.40
CA LYS A 297 28.52 -3.01 -2.72
C LYS A 297 29.14 -2.62 -1.39
N ASP A 298 30.41 -2.99 -1.21
CA ASP A 298 31.10 -2.76 0.07
C ASP A 298 30.22 -3.25 1.23
N ASN A 299 29.86 -2.37 2.16
CA ASN A 299 29.07 -2.78 3.31
C ASN A 299 27.57 -2.53 3.23
N VAL A 300 27.07 -2.20 2.03
CA VAL A 300 25.66 -1.89 1.84
C VAL A 300 24.95 -3.01 1.06
N TRP A 301 23.80 -3.44 1.57
CA TRP A 301 23.01 -4.55 1.03
C TRP A 301 21.55 -4.14 1.03
N VAL A 302 20.88 -4.32 -0.09
CA VAL A 302 19.47 -3.95 -0.19
C VAL A 302 18.67 -5.06 -0.87
N GLY A 303 17.53 -5.42 -0.27
CA GLY A 303 16.62 -6.41 -0.84
C GLY A 303 15.41 -5.67 -1.38
N TYR A 304 14.95 -6.09 -2.57
CA TYR A 304 13.94 -5.34 -3.31
C TYR A 304 13.29 -6.20 -4.39
N ASP A 305 12.34 -5.60 -5.11
CA ASP A 305 11.76 -6.24 -6.27
C ASP A 305 12.32 -5.62 -7.53
N ASN A 306 12.68 -6.48 -8.48
CA ASN A 306 13.20 -6.02 -9.77
C ASN A 306 12.31 -6.44 -10.95
N GLN A 307 12.79 -6.22 -12.16
CA GLN A 307 12.04 -6.53 -13.37
C GLN A 307 11.51 -7.98 -13.40
N GLN A 308 12.38 -8.91 -13.03
CA GLN A 308 12.00 -10.32 -13.02
C GLN A 308 11.03 -10.67 -11.89
N SER A 309 11.32 -10.24 -10.66
CA SER A 309 10.46 -10.60 -9.53
C SER A 309 9.07 -9.97 -9.63
N VAL A 310 8.99 -8.75 -10.17
CA VAL A 310 7.70 -8.10 -10.36
C VAL A 310 6.85 -8.88 -11.38
N ALA A 311 7.46 -9.28 -12.49
CA ALA A 311 6.73 -10.06 -13.49
C ALA A 311 6.24 -11.38 -12.88
N LEU A 312 7.08 -11.99 -12.05
CA LEU A 312 6.70 -13.24 -11.38
C LEU A 312 5.56 -13.03 -10.38
N LYS A 313 5.62 -11.93 -9.62
CA LYS A 313 4.55 -11.62 -8.67
C LYS A 313 3.22 -11.30 -9.34
N VAL A 314 3.28 -10.59 -10.47
CA VAL A 314 2.07 -10.20 -11.19
C VAL A 314 1.41 -11.41 -11.84
N GLN A 315 2.23 -12.31 -12.38
CA GLN A 315 1.71 -13.55 -12.92
C GLN A 315 1.11 -14.41 -11.81
N TYR A 316 1.79 -14.45 -10.66
CA TYR A 316 1.25 -15.12 -9.47
C TYR A 316 -0.15 -14.59 -9.11
N ALA A 317 -0.30 -13.27 -9.06
CA ALA A 317 -1.59 -12.65 -8.77
C ALA A 317 -2.65 -13.05 -9.78
N LYS A 318 -2.24 -13.12 -11.05
CA LYS A 318 -3.13 -13.55 -12.11
C LYS A 318 -3.55 -15.02 -11.93
N GLU A 319 -2.57 -15.87 -11.62
CA GLU A 319 -2.78 -17.30 -11.36
C GLU A 319 -3.71 -17.54 -10.16
N LYS A 320 -3.55 -16.71 -9.14
CA LYS A 320 -4.37 -16.83 -7.93
C LYS A 320 -5.73 -16.15 -8.06
N ARG A 321 -5.99 -15.61 -9.27
CA ARG A 321 -7.29 -15.00 -9.63
C ARG A 321 -7.59 -13.75 -8.81
N LEU A 322 -6.54 -13.04 -8.43
CA LEU A 322 -6.69 -11.82 -7.63
C LEU A 322 -7.24 -10.67 -8.47
N GLY A 323 -7.74 -9.64 -7.81
CA GLY A 323 -8.28 -8.47 -8.49
C GLY A 323 -7.22 -7.70 -9.25
N GLY A 324 -5.99 -7.78 -8.78
CA GLY A 324 -4.87 -7.10 -9.42
C GLY A 324 -3.72 -6.88 -8.46
N TYR A 325 -2.98 -5.80 -8.69
CA TYR A 325 -1.80 -5.47 -7.89
C TYR A 325 -1.76 -3.97 -7.60
N PHE A 326 -1.00 -3.59 -6.57
CA PHE A 326 -0.74 -2.17 -6.30
C PHE A 326 0.74 -1.93 -6.01
N PHE A 327 1.17 -0.70 -6.25
CA PHE A 327 2.53 -0.30 -5.96
C PHE A 327 2.56 0.77 -4.88
N TRP A 328 3.39 0.53 -3.86
CA TRP A 328 3.78 1.58 -2.92
C TRP A 328 5.26 1.85 -3.11
N SER A 329 5.67 3.04 -3.54
CA SER A 329 4.81 4.14 -3.98
C SER A 329 5.41 4.68 -5.29
N VAL A 330 4.58 5.29 -6.14
CA VAL A 330 4.95 5.53 -7.54
C VAL A 330 6.10 6.51 -7.75
N ASN A 331 6.29 7.42 -6.81
CA ASN A 331 7.42 8.34 -6.82
C ASN A 331 8.78 7.65 -6.70
N GLN A 332 8.77 6.40 -6.26
CA GLN A 332 10.02 5.67 -5.98
C GLN A 332 10.60 4.96 -7.21
N ASP A 333 9.84 4.94 -8.30
CA ASP A 333 10.27 4.39 -9.57
C ASP A 333 10.03 5.46 -10.62
N ILE A 334 10.96 6.41 -10.68
CA ILE A 334 10.77 7.62 -11.47
C ILE A 334 10.56 7.38 -12.97
N ASP A 335 11.21 6.34 -13.50
CA ASP A 335 11.07 5.97 -14.91
C ASP A 335 9.96 4.94 -15.17
N ALA A 336 9.24 4.59 -14.10
CA ALA A 336 8.13 3.62 -14.16
C ALA A 336 8.53 2.30 -14.81
N ILE A 337 9.72 1.83 -14.46
CA ILE A 337 10.24 0.56 -14.97
C ILE A 337 9.35 -0.60 -14.53
N LEU A 338 9.07 -0.67 -13.23
CA LEU A 338 8.32 -1.80 -12.69
C LEU A 338 6.82 -1.72 -12.97
N PRO A 339 6.22 -0.51 -12.92
CA PRO A 339 4.83 -0.47 -13.39
C PRO A 339 4.64 -0.89 -14.86
N LYS A 340 5.64 -0.64 -15.71
CA LYS A 340 5.56 -1.08 -17.11
C LYS A 340 5.58 -2.61 -17.22
N ILE A 341 6.54 -3.24 -16.56
CA ILE A 341 6.62 -4.70 -16.56
C ILE A 341 5.34 -5.32 -16.01
N ALA A 342 4.83 -4.77 -14.91
CA ALA A 342 3.60 -5.27 -14.30
C ALA A 342 2.41 -5.20 -15.26
N SER A 343 2.22 -4.04 -15.88
CA SER A 343 1.12 -3.85 -16.83
C SER A 343 1.23 -4.79 -18.02
N ASP A 344 2.45 -4.93 -18.57
CA ASP A 344 2.69 -5.83 -19.70
C ASP A 344 2.44 -7.28 -19.30
N THR A 345 2.80 -7.64 -18.06
CA THR A 345 2.63 -9.02 -17.60
C THR A 345 1.15 -9.41 -17.53
N TRP A 346 0.32 -8.54 -16.94
CA TRP A 346 -1.10 -8.85 -16.83
C TRP A 346 -1.78 -8.89 -18.20
N GLY A 347 -1.34 -8.03 -19.11
CA GLY A 347 -1.83 -8.04 -20.48
C GLY A 347 -1.21 -9.13 -21.36
#